data_8EFX
#
_entry.id   8EFX
#
_cell.length_a   42.399
_cell.length_b   83.008
_cell.length_c   99.354
_cell.angle_alpha   90.000
_cell.angle_beta   90.000
_cell.angle_gamma   90.000
#
_symmetry.space_group_name_H-M   'P 2 21 21'
#
loop_
_entity.id
_entity.type
_entity.pdbx_description
1 polymer OtDUB
2 polymer Ubiquitin
3 water water
#
loop_
_entity_poly.entity_id
_entity_poly.type
_entity_poly.pdbx_seq_one_letter_code
_entity_poly.pdbx_strand_id
1 'polypeptide(L)'
;MANDQDLSNPEYLYTEDDINQLLKHYLGLDDRISIIQHVALNESLLLKQTLHQVLSDIFSGMQEKAVIPLHTGNNHWVAM
AIKLGMNDDIVISYNDPMGVSIDDKVTLINCIKELCPGAKINDLQTVQQTNVYDCGPFVVDNLIKMSQGQPILSTEEAKQ
QAQNIRQSQVNFLSENRMITSAAAALADTLLKNNNRITEGVLVDRIFDNKILSVQEKQQLLNNLLDNHIKENKSLTKESL
TRMLASTHFVQQQANVLLN
;
A
2 'polypeptide(L)' MQIFVKTLTGKTITLEVEPSDTIENVKAKIQDKEGIPPDQQRLIFAGKQLEDGRTLSDYNIQKESTLHLVLRLRGC B
#
# COMPACT_ATOMS: atom_id res chain seq x y z
N MET A 1 5.68 -19.19 -0.25
CA MET A 1 5.04 -18.30 -1.23
C MET A 1 4.10 -19.10 -2.13
N ALA A 2 2.96 -18.49 -2.51
CA ALA A 2 1.98 -19.15 -3.36
C ALA A 2 2.33 -18.99 -4.84
N ASN A 3 1.85 -19.94 -5.66
CA ASN A 3 2.17 -19.94 -7.09
C ASN A 3 1.72 -18.64 -7.77
N ASP A 4 0.62 -18.04 -7.30
CA ASP A 4 0.11 -16.78 -7.82
C ASP A 4 0.92 -15.55 -7.36
N GLN A 5 2.14 -15.77 -6.87
CA GLN A 5 3.06 -14.69 -6.52
C GLN A 5 4.29 -14.69 -7.41
N ASP A 6 4.30 -15.50 -8.47
CA ASP A 6 5.45 -15.69 -9.34
C ASP A 6 5.45 -14.59 -10.40
N LEU A 7 6.41 -13.66 -10.30
CA LEU A 7 6.46 -12.52 -11.19
C LEU A 7 6.85 -12.89 -12.62
N SER A 8 7.46 -14.07 -12.81
CA SER A 8 7.86 -14.49 -14.15
C SER A 8 6.68 -14.96 -15.00
N ASN A 9 5.55 -15.25 -14.37
CA ASN A 9 4.33 -15.62 -15.07
C ASN A 9 3.86 -14.43 -15.89
N PRO A 10 3.76 -14.54 -17.23
CA PRO A 10 3.27 -13.41 -18.03
C PRO A 10 1.86 -12.99 -17.65
N GLU A 11 1.11 -13.86 -16.99
CA GLU A 11 -0.26 -13.57 -16.58
C GLU A 11 -0.37 -13.22 -15.09
N TYR A 12 0.74 -12.90 -14.43
CA TYR A 12 0.72 -12.50 -13.02
C TYR A 12 -0.31 -11.42 -12.78
N LEU A 13 -1.15 -11.60 -11.76
CA LEU A 13 -2.21 -10.65 -11.45
C LEU A 13 -1.72 -9.69 -10.38
N TYR A 14 -1.72 -8.40 -10.70
CA TYR A 14 -1.26 -7.41 -9.74
C TYR A 14 -2.16 -7.41 -8.51
N THR A 15 -1.57 -7.19 -7.35
CA THR A 15 -2.32 -6.94 -6.13
C THR A 15 -2.44 -5.43 -5.89
N GLU A 16 -3.31 -5.07 -4.94
CA GLU A 16 -3.40 -3.68 -4.51
C GLU A 16 -2.04 -3.17 -4.05
N ASP A 17 -1.29 -4.00 -3.33
CA ASP A 17 0.02 -3.57 -2.87
C ASP A 17 0.99 -3.35 -4.03
N ASP A 18 0.99 -4.25 -5.02
CA ASP A 18 1.86 -4.05 -6.19
C ASP A 18 1.63 -2.69 -6.82
N ILE A 19 0.37 -2.34 -7.03
CA ILE A 19 0.04 -1.09 -7.67
C ILE A 19 0.54 0.08 -6.84
N ASN A 20 0.33 0.02 -5.53
CA ASN A 20 0.78 1.10 -4.64
C ASN A 20 2.29 1.24 -4.67
N GLN A 21 3.01 0.12 -4.65
CA GLN A 21 4.46 0.20 -4.65
C GLN A 21 4.97 0.82 -5.95
N LEU A 22 4.31 0.51 -7.08
CA LEU A 22 4.75 1.05 -8.36
C LEU A 22 4.46 2.54 -8.47
N LEU A 23 3.28 2.98 -8.04
CA LEU A 23 2.97 4.41 -8.06
C LEU A 23 3.93 5.17 -7.16
N LYS A 24 4.20 4.65 -5.96
CA LYS A 24 5.16 5.30 -5.07
C LYS A 24 6.53 5.36 -5.72
N HIS A 25 6.93 4.33 -6.46
CA HIS A 25 8.24 4.35 -7.09
C HIS A 25 8.32 5.40 -8.19
N TYR A 26 7.30 5.44 -9.05
CA TYR A 26 7.37 6.33 -10.20
C TYR A 26 6.86 7.74 -9.92
N LEU A 27 6.03 7.93 -8.89
CA LEU A 27 5.47 9.24 -8.58
C LEU A 27 5.80 9.75 -7.19
N GLY A 28 6.30 8.89 -6.29
CA GLY A 28 6.33 9.20 -4.87
C GLY A 28 7.43 10.13 -4.41
N LEU A 29 8.43 10.40 -5.26
CA LEU A 29 9.43 11.39 -4.87
C LEU A 29 8.83 12.79 -4.74
N ASP A 30 7.80 13.09 -5.53
CA ASP A 30 7.06 14.35 -5.44
C ASP A 30 6.09 14.26 -4.26
N ASP A 31 6.39 14.95 -3.15
CA ASP A 31 5.56 14.86 -1.96
C ASP A 31 4.18 15.48 -2.15
N ARG A 32 3.99 16.32 -3.17
CA ARG A 32 2.71 17.01 -3.39
C ARG A 32 1.69 16.17 -4.16
N ILE A 33 1.98 14.90 -4.44
CA ILE A 33 1.05 14.00 -5.12
C ILE A 33 0.54 13.00 -4.08
N SER A 34 -0.78 12.97 -3.88
CA SER A 34 -1.39 11.97 -3.02
C SER A 34 -1.55 10.67 -3.81
N ILE A 35 -0.91 9.61 -3.33
CA ILE A 35 -1.10 8.29 -3.89
C ILE A 35 -2.10 7.57 -2.98
N ILE A 36 -3.30 7.33 -3.48
CA ILE A 36 -4.36 6.71 -2.71
C ILE A 36 -4.24 5.20 -2.81
N GLN A 37 -4.25 4.52 -1.66
CA GLN A 37 -3.85 3.11 -1.64
C GLN A 37 -5.00 2.13 -1.81
N HIS A 38 -6.05 2.26 -1.01
CA HIS A 38 -7.10 1.22 -0.94
C HIS A 38 -8.47 1.88 -1.00
N VAL A 39 -9.07 1.91 -2.19
CA VAL A 39 -10.42 2.43 -2.36
C VAL A 39 -11.14 1.56 -3.36
N ALA A 40 -12.40 1.23 -3.07
CA ALA A 40 -13.17 0.28 -3.87
C ALA A 40 -14.57 0.82 -4.12
N LEU A 41 -15.13 0.41 -5.27
CA LEU A 41 -16.47 0.82 -5.63
C LEU A 41 -17.53 0.26 -4.67
N ASN A 42 -17.26 -0.88 -4.03
CA ASN A 42 -18.23 -1.45 -3.09
C ASN A 42 -18.03 -0.95 -1.67
N GLU A 43 -17.57 0.31 -1.51
CA GLU A 43 -17.34 0.92 -0.20
C GLU A 43 -17.72 2.41 -0.32
N SER A 44 -19.03 2.67 -0.41
CA SER A 44 -19.52 4.02 -0.71
C SER A 44 -19.07 5.03 0.33
N LEU A 45 -19.26 4.72 1.62
CA LEU A 45 -18.85 5.65 2.66
C LEU A 45 -17.35 5.91 2.61
N LEU A 46 -16.54 4.84 2.62
CA LEU A 46 -15.09 5.03 2.59
C LEU A 46 -14.67 5.75 1.32
N LEU A 47 -15.33 5.47 0.20
CA LEU A 47 -15.00 6.13 -1.07
C LEU A 47 -15.35 7.62 -1.02
N LYS A 48 -16.53 7.96 -0.50
CA LYS A 48 -16.89 9.38 -0.40
C LYS A 48 -15.97 10.12 0.55
N GLN A 49 -15.54 9.46 1.64
CA GLN A 49 -14.67 10.11 2.60
C GLN A 49 -13.27 10.33 2.02
N THR A 50 -12.78 9.36 1.24
CA THR A 50 -11.46 9.52 0.64
C THR A 50 -11.47 10.61 -0.42
N LEU A 51 -12.51 10.66 -1.25
CA LEU A 51 -12.60 11.68 -2.29
C LEU A 51 -12.74 13.07 -1.67
N HIS A 52 -13.55 13.16 -0.61
CA HIS A 52 -13.65 14.41 0.14
C HIS A 52 -12.29 14.86 0.65
N GLN A 53 -11.52 13.94 1.23
CA GLN A 53 -10.20 14.28 1.76
C GLN A 53 -9.26 14.76 0.65
N VAL A 54 -9.33 14.11 -0.52
CA VAL A 54 -8.42 14.46 -1.61
C VAL A 54 -8.79 15.83 -2.19
N LEU A 55 -10.07 16.03 -2.50
CA LEU A 55 -10.50 17.31 -3.04
C LEU A 55 -10.21 18.45 -2.07
N SER A 56 -10.39 18.20 -0.76
CA SER A 56 -10.09 19.21 0.24
C SER A 56 -8.61 19.58 0.23
N ASP A 57 -7.73 18.60 0.11
CA ASP A 57 -6.30 18.87 0.08
C ASP A 57 -5.89 19.60 -1.21
N ILE A 58 -6.57 19.33 -2.32
CA ILE A 58 -6.26 20.04 -3.55
C ILE A 58 -6.80 21.47 -3.50
N PHE A 59 -8.05 21.63 -3.06
CA PHE A 59 -8.61 22.97 -2.85
C PHE A 59 -7.77 23.77 -1.86
N SER A 60 -7.52 23.22 -0.69
CA SER A 60 -6.74 23.90 0.32
C SER A 60 -5.24 23.98 -0.01
N GLY A 61 -4.76 23.56 -1.19
CA GLY A 61 -3.38 23.75 -1.57
C GLY A 61 -2.37 22.83 -0.91
N MET A 62 -2.78 21.94 0.00
CA MET A 62 -1.82 21.05 0.62
C MET A 62 -1.29 20.00 -0.35
N GLN A 63 -2.03 19.72 -1.42
CA GLN A 63 -1.61 18.80 -2.46
C GLN A 63 -1.92 19.42 -3.82
N GLU A 64 -1.11 19.07 -4.81
CA GLU A 64 -1.37 19.55 -6.17
C GLU A 64 -2.24 18.58 -6.96
N LYS A 65 -2.06 17.27 -6.77
CA LYS A 65 -2.83 16.29 -7.52
C LYS A 65 -2.89 14.99 -6.72
N ALA A 66 -3.62 14.02 -7.26
CA ALA A 66 -3.79 12.74 -6.61
C ALA A 66 -3.96 11.67 -7.67
N VAL A 67 -3.42 10.48 -7.42
CA VAL A 67 -3.69 9.31 -8.25
C VAL A 67 -4.47 8.30 -7.43
N ILE A 68 -5.51 7.73 -8.03
CA ILE A 68 -6.45 6.86 -7.35
C ILE A 68 -6.69 5.61 -8.19
N PRO A 69 -6.03 4.49 -7.88
CA PRO A 69 -6.41 3.22 -8.51
C PRO A 69 -7.68 2.69 -7.85
N LEU A 70 -8.81 2.84 -8.53
CA LEU A 70 -10.12 2.51 -7.96
C LEU A 70 -10.46 1.07 -8.30
N HIS A 71 -10.63 0.24 -7.28
CA HIS A 71 -10.98 -1.17 -7.48
C HIS A 71 -12.46 -1.30 -7.75
N THR A 72 -12.81 -1.83 -8.92
CA THR A 72 -14.20 -1.96 -9.32
C THR A 72 -14.68 -3.40 -9.40
N GLY A 73 -13.77 -4.37 -9.39
CA GLY A 73 -14.19 -5.75 -9.49
C GLY A 73 -13.00 -6.67 -9.46
N ASN A 74 -13.28 -7.94 -9.74
CA ASN A 74 -12.28 -9.00 -9.77
C ASN A 74 -11.09 -8.60 -10.63
N ASN A 75 -9.97 -8.29 -9.99
CA ASN A 75 -8.74 -7.93 -10.70
C ASN A 75 -8.94 -6.75 -11.64
N HIS A 76 -9.93 -5.91 -11.37
CA HIS A 76 -10.18 -4.78 -12.25
C HIS A 76 -10.03 -3.48 -11.49
N TRP A 77 -9.15 -2.63 -12.00
CA TRP A 77 -8.87 -1.32 -11.44
C TRP A 77 -9.08 -0.29 -12.53
N VAL A 78 -9.62 0.86 -12.18
CA VAL A 78 -9.76 1.95 -13.12
C VAL A 78 -8.87 3.07 -12.62
N ALA A 79 -8.39 3.87 -13.55
CA ALA A 79 -7.46 4.95 -13.23
C ALA A 79 -8.24 6.24 -13.08
N MET A 80 -8.17 6.83 -11.88
CA MET A 80 -8.75 8.13 -11.62
C MET A 80 -7.64 9.05 -11.12
N ALA A 81 -7.48 10.19 -11.79
CA ALA A 81 -6.52 11.19 -11.36
C ALA A 81 -7.23 12.54 -11.20
N ILE A 82 -6.79 13.31 -10.22
CA ILE A 82 -7.43 14.58 -9.87
C ILE A 82 -6.35 15.63 -9.78
N LYS A 83 -6.63 16.81 -10.34
CA LYS A 83 -5.63 17.87 -10.41
C LYS A 83 -6.34 19.20 -10.57
N LEU A 84 -5.55 20.27 -10.48
CA LEU A 84 -6.03 21.63 -10.71
C LEU A 84 -5.84 21.99 -12.18
N GLY A 85 -6.94 22.31 -12.86
CA GLY A 85 -6.84 22.74 -14.25
C GLY A 85 -6.33 24.17 -14.40
N MET A 86 -6.45 24.72 -15.61
CA MET A 86 -6.00 26.08 -15.89
C MET A 86 -7.08 27.13 -15.66
N ASN A 87 -8.31 26.73 -15.34
CA ASN A 87 -9.40 27.69 -15.19
C ASN A 87 -10.01 27.59 -13.79
N ASP A 88 -9.15 27.48 -12.79
CA ASP A 88 -9.56 27.41 -11.38
C ASP A 88 -10.65 26.35 -11.18
N ASP A 89 -10.49 25.21 -11.84
CA ASP A 89 -11.43 24.12 -11.73
C ASP A 89 -10.68 22.84 -11.39
N ILE A 90 -11.40 21.91 -10.77
CA ILE A 90 -10.85 20.59 -10.50
C ILE A 90 -11.11 19.72 -11.72
N VAL A 91 -10.07 19.03 -12.19
CA VAL A 91 -10.17 18.18 -13.37
C VAL A 91 -9.99 16.74 -12.96
N ILE A 92 -11.00 15.93 -13.24
CA ILE A 92 -10.99 14.51 -12.93
C ILE A 92 -10.80 13.76 -14.24
N SER A 93 -9.62 13.19 -14.46
CA SER A 93 -9.45 12.32 -15.61
C SER A 93 -9.59 10.87 -15.18
N TYR A 94 -10.07 10.06 -16.11
CA TYR A 94 -10.50 8.71 -15.79
C TYR A 94 -10.29 7.84 -17.02
N ASN A 95 -9.72 6.66 -16.84
CA ASN A 95 -9.78 5.66 -17.90
C ASN A 95 -9.96 4.27 -17.33
N ASP A 96 -10.94 3.57 -17.86
CA ASP A 96 -11.12 2.15 -17.63
C ASP A 96 -10.38 1.39 -18.72
N PRO A 97 -9.34 0.61 -18.39
CA PRO A 97 -8.60 -0.11 -19.44
C PRO A 97 -9.48 -0.99 -20.30
N MET A 98 -10.70 -1.30 -19.87
CA MET A 98 -11.65 -2.03 -20.70
C MET A 98 -12.41 -1.14 -21.66
N GLY A 99 -12.33 0.19 -21.50
CA GLY A 99 -13.06 1.09 -22.37
C GLY A 99 -14.49 1.38 -21.97
N VAL A 100 -14.90 0.98 -20.77
CA VAL A 100 -16.25 1.25 -20.30
C VAL A 100 -16.32 2.71 -19.82
N SER A 101 -17.39 3.40 -20.21
CA SER A 101 -17.58 4.78 -19.80
C SER A 101 -17.67 4.89 -18.28
N ILE A 102 -17.29 6.06 -17.76
CA ILE A 102 -17.42 6.30 -16.33
C ILE A 102 -18.88 6.28 -15.90
N ASP A 103 -19.83 6.43 -16.85
CA ASP A 103 -21.24 6.45 -16.49
C ASP A 103 -21.72 5.09 -15.99
N ASP A 104 -21.07 4.00 -16.42
CA ASP A 104 -21.44 2.67 -15.94
C ASP A 104 -21.21 2.52 -14.43
N LYS A 105 -20.32 3.32 -13.84
CA LYS A 105 -19.99 3.22 -12.42
C LYS A 105 -20.80 4.28 -11.67
N VAL A 106 -22.10 4.00 -11.52
CA VAL A 106 -23.01 5.04 -11.05
C VAL A 106 -22.70 5.44 -9.61
N THR A 107 -22.27 4.47 -8.78
CA THR A 107 -21.91 4.81 -7.41
C THR A 107 -20.75 5.81 -7.36
N LEU A 108 -19.79 5.67 -8.29
CA LEU A 108 -18.71 6.64 -8.38
C LEU A 108 -19.25 7.99 -8.85
N ILE A 109 -20.07 7.98 -9.89
CA ILE A 109 -20.53 9.25 -10.47
C ILE A 109 -21.41 10.00 -9.48
N ASN A 110 -22.37 9.30 -8.86
CA ASN A 110 -23.21 9.95 -7.87
C ASN A 110 -22.39 10.42 -6.68
N CYS A 111 -21.27 9.74 -6.39
CA CYS A 111 -20.38 10.22 -5.33
C CYS A 111 -19.66 11.50 -5.73
N ILE A 112 -19.32 11.66 -7.01
CA ILE A 112 -18.61 12.86 -7.46
C ILE A 112 -19.57 14.03 -7.59
N LYS A 113 -20.76 13.79 -8.16
CA LYS A 113 -21.79 14.83 -8.22
C LYS A 113 -22.15 15.31 -6.83
N GLU A 114 -22.26 14.39 -5.87
CA GLU A 114 -22.60 14.79 -4.51
C GLU A 114 -21.49 15.60 -3.86
N LEU A 115 -20.24 15.25 -4.14
CA LEU A 115 -19.09 15.92 -3.51
C LEU A 115 -18.64 17.15 -4.29
N CYS A 116 -18.48 17.03 -5.61
CA CYS A 116 -18.09 18.16 -6.47
C CYS A 116 -18.80 18.12 -7.81
N PRO A 117 -20.03 18.62 -7.86
CA PRO A 117 -20.72 18.71 -9.16
C PRO A 117 -20.11 19.72 -10.11
N GLY A 118 -19.28 20.64 -9.61
CA GLY A 118 -18.61 21.61 -10.45
C GLY A 118 -17.19 21.23 -10.79
N ALA A 119 -16.90 19.92 -10.77
CA ALA A 119 -15.64 19.39 -11.25
C ALA A 119 -15.81 18.92 -12.68
N LYS A 120 -14.75 19.05 -13.46
CA LYS A 120 -14.75 18.61 -14.84
C LYS A 120 -14.27 17.18 -14.92
N ILE A 121 -14.96 16.37 -15.72
CA ILE A 121 -14.65 14.95 -15.85
C ILE A 121 -14.24 14.67 -17.29
N ASN A 122 -12.94 14.40 -17.48
CA ASN A 122 -12.42 13.90 -18.75
C ASN A 122 -12.36 12.37 -18.64
N ASP A 123 -13.38 11.70 -19.18
CA ASP A 123 -13.37 10.25 -19.33
C ASP A 123 -12.67 9.92 -20.63
N LEU A 124 -11.43 9.42 -20.53
CA LEU A 124 -10.63 9.19 -21.74
C LEU A 124 -11.12 7.99 -22.53
N GLN A 125 -11.94 7.13 -21.92
CA GLN A 125 -12.58 5.96 -22.51
C GLN A 125 -11.76 5.32 -23.62
N THR A 126 -10.66 4.68 -23.28
CA THR A 126 -9.76 4.07 -24.24
C THR A 126 -9.60 2.59 -23.90
N VAL A 127 -9.96 1.73 -24.84
CA VAL A 127 -9.73 0.29 -24.68
C VAL A 127 -8.22 0.05 -24.74
N GLN A 128 -7.68 -0.62 -23.73
CA GLN A 128 -6.25 -0.96 -23.72
C GLN A 128 -6.07 -2.43 -23.38
N GLN A 129 -6.71 -2.84 -22.29
CA GLN A 129 -6.59 -4.21 -21.80
C GLN A 129 -7.24 -5.18 -22.79
N THR A 130 -6.47 -6.19 -23.22
CA THR A 130 -6.96 -7.18 -24.17
C THR A 130 -7.12 -8.56 -23.55
N ASN A 131 -6.99 -8.68 -22.22
CA ASN A 131 -7.12 -9.95 -21.53
C ASN A 131 -7.39 -9.68 -20.05
N VAL A 132 -7.66 -10.74 -19.29
CA VAL A 132 -8.17 -10.52 -17.95
C VAL A 132 -7.09 -10.09 -16.97
N TYR A 133 -5.81 -10.28 -17.29
CA TYR A 133 -4.76 -10.08 -16.32
C TYR A 133 -3.97 -8.78 -16.53
N ASP A 134 -4.29 -7.97 -17.53
CA ASP A 134 -3.47 -6.80 -17.83
C ASP A 134 -4.06 -5.50 -17.29
N CYS A 135 -5.08 -5.57 -16.46
CA CYS A 135 -5.62 -4.36 -15.86
C CYS A 135 -4.59 -3.68 -14.96
N GLY A 136 -3.89 -4.45 -14.13
CA GLY A 136 -2.82 -3.93 -13.29
C GLY A 136 -1.80 -3.07 -14.00
N PRO A 137 -1.10 -3.62 -15.00
CA PRO A 137 -0.11 -2.81 -15.73
C PRO A 137 -0.68 -1.52 -16.31
N PHE A 138 -1.91 -1.53 -16.79
CA PHE A 138 -2.43 -0.33 -17.46
C PHE A 138 -2.93 0.71 -16.47
N VAL A 139 -3.53 0.30 -15.35
CA VAL A 139 -3.91 1.31 -14.36
C VAL A 139 -2.66 2.04 -13.87
N VAL A 140 -1.54 1.33 -13.72
CA VAL A 140 -0.32 1.97 -13.27
C VAL A 140 0.20 2.93 -14.33
N ASP A 141 0.32 2.45 -15.56
CA ASP A 141 0.86 3.30 -16.61
C ASP A 141 -0.04 4.50 -16.86
N ASN A 142 -1.36 4.27 -16.90
CA ASN A 142 -2.30 5.37 -17.07
C ASN A 142 -2.14 6.43 -15.97
N LEU A 143 -2.09 6.02 -14.70
CA LEU A 143 -2.01 6.99 -13.61
C LEU A 143 -0.73 7.81 -13.70
N ILE A 144 0.37 7.19 -14.11
CA ILE A 144 1.62 7.91 -14.23
C ILE A 144 1.54 8.95 -15.33
N LYS A 145 1.00 8.57 -16.48
CA LYS A 145 0.89 9.52 -17.58
C LYS A 145 -0.10 10.63 -17.28
N MET A 146 -1.25 10.27 -16.67
CA MET A 146 -2.23 11.28 -16.34
C MET A 146 -1.66 12.29 -15.37
N SER A 147 -0.95 11.83 -14.35
CA SER A 147 -0.38 12.75 -13.36
C SER A 147 0.78 13.55 -13.95
N GLN A 148 1.41 13.07 -15.02
CA GLN A 148 2.43 13.82 -15.75
C GLN A 148 1.84 14.74 -16.82
N GLY A 149 0.54 14.69 -17.06
CA GLY A 149 -0.04 15.46 -18.14
C GLY A 149 0.27 14.94 -19.53
N GLN A 150 0.60 13.67 -19.64
CA GLN A 150 0.91 13.06 -20.91
C GLN A 150 -0.25 12.18 -21.39
N PRO A 151 -0.45 12.04 -22.70
CA PRO A 151 -1.56 11.22 -23.18
C PRO A 151 -1.35 9.75 -22.82
N ILE A 152 -2.44 9.07 -22.46
CA ILE A 152 -2.33 7.65 -22.14
C ILE A 152 -2.17 6.86 -23.43
N LEU A 153 -1.81 5.59 -23.29
CA LEU A 153 -1.64 4.73 -24.46
C LEU A 153 -2.96 4.56 -25.19
N SER A 154 -2.93 4.75 -26.51
CA SER A 154 -4.08 4.47 -27.35
C SER A 154 -4.30 2.96 -27.45
N THR A 155 -5.45 2.59 -28.03
CA THR A 155 -5.77 1.17 -28.19
C THR A 155 -4.67 0.43 -28.94
N GLU A 156 -4.16 1.01 -30.04
CA GLU A 156 -3.14 0.32 -30.81
C GLU A 156 -1.80 0.32 -30.09
N GLU A 157 -1.40 1.48 -29.53
CA GLU A 157 -0.17 1.54 -28.75
C GLU A 157 -0.21 0.57 -27.56
N ALA A 158 -1.38 0.42 -26.95
CA ALA A 158 -1.51 -0.50 -25.82
C ALA A 158 -1.23 -1.93 -26.24
N LYS A 159 -1.67 -2.32 -27.44
CA LYS A 159 -1.43 -3.67 -27.91
C LYS A 159 0.07 -3.91 -28.16
N GLN A 160 0.78 -2.93 -28.72
CA GLN A 160 2.22 -3.10 -28.96
C GLN A 160 3.02 -3.08 -27.65
N GLN A 161 2.63 -2.24 -26.70
CA GLN A 161 3.46 -1.98 -25.54
C GLN A 161 3.02 -2.74 -24.30
N ALA A 162 1.96 -3.53 -24.38
CA ALA A 162 1.44 -4.23 -23.20
C ALA A 162 2.53 -5.04 -22.49
N GLN A 163 3.29 -5.82 -23.27
CA GLN A 163 4.31 -6.67 -22.67
C GLN A 163 5.49 -5.85 -22.14
N ASN A 164 5.81 -4.74 -22.80
CA ASN A 164 6.94 -3.92 -22.34
C ASN A 164 6.60 -3.21 -21.02
N ILE A 165 5.39 -2.64 -20.90
CA ILE A 165 5.11 -1.91 -19.67
C ILE A 165 5.00 -2.88 -18.49
N ARG A 166 4.46 -4.08 -18.74
CA ARG A 166 4.42 -5.11 -17.71
C ARG A 166 5.83 -5.52 -17.31
N GLN A 167 6.71 -5.75 -18.29
CA GLN A 167 8.07 -6.17 -18.01
C GLN A 167 8.82 -5.18 -17.13
N SER A 168 8.76 -3.89 -17.46
CA SER A 168 9.53 -2.96 -16.65
C SER A 168 8.88 -2.76 -15.27
N GLN A 169 7.55 -2.89 -15.15
CA GLN A 169 6.93 -2.81 -13.84
C GLN A 169 7.29 -4.02 -12.97
N VAL A 170 7.20 -5.23 -13.52
CA VAL A 170 7.52 -6.40 -12.70
C VAL A 170 9.02 -6.46 -12.41
N ASN A 171 9.86 -5.87 -13.28
CA ASN A 171 11.29 -5.74 -12.96
C ASN A 171 11.46 -4.92 -11.68
N PHE A 172 10.72 -3.82 -11.56
CA PHE A 172 10.76 -3.08 -10.30
C PHE A 172 10.21 -3.91 -9.14
N LEU A 173 9.06 -4.58 -9.33
CA LEU A 173 8.44 -5.34 -8.24
C LEU A 173 9.41 -6.39 -7.72
N SER A 174 10.19 -6.99 -8.61
CA SER A 174 11.16 -8.00 -8.20
C SER A 174 12.29 -7.37 -7.38
N GLU A 175 12.84 -6.24 -7.86
CA GLU A 175 13.88 -5.55 -7.09
C GLU A 175 13.33 -5.06 -5.76
N ASN A 176 12.09 -4.56 -5.76
CA ASN A 176 11.49 -4.04 -4.53
C ASN A 176 11.25 -5.13 -3.49
N ARG A 177 10.87 -6.34 -3.92
CA ARG A 177 10.70 -7.43 -2.96
C ARG A 177 12.01 -7.74 -2.25
N MET A 178 13.10 -7.74 -2.99
CA MET A 178 14.43 -7.93 -2.40
C MET A 178 14.74 -6.83 -1.39
N ILE A 179 14.47 -5.56 -1.75
CA ILE A 179 14.79 -4.46 -0.85
C ILE A 179 13.97 -4.55 0.44
N THR A 180 12.68 -4.85 0.31
CA THR A 180 11.81 -5.00 1.46
C THR A 180 12.25 -6.17 2.33
N SER A 181 12.64 -7.29 1.71
CA SER A 181 13.12 -8.41 2.52
C SER A 181 14.40 -8.08 3.27
N ALA A 182 15.35 -7.39 2.63
CA ALA A 182 16.56 -6.94 3.31
C ALA A 182 16.22 -5.96 4.44
N ALA A 183 15.36 -4.99 4.16
CA ALA A 183 14.97 -4.03 5.18
C ALA A 183 14.31 -4.71 6.37
N ALA A 184 13.51 -5.76 6.10
CA ALA A 184 12.83 -6.46 7.18
C ALA A 184 13.81 -7.30 8.01
N ALA A 185 14.79 -7.92 7.35
CA ALA A 185 15.83 -8.64 8.08
C ALA A 185 16.63 -7.67 8.95
N LEU A 186 16.95 -6.50 8.41
CA LEU A 186 17.74 -5.55 9.19
C LEU A 186 16.91 -5.01 10.35
N ALA A 187 15.63 -4.73 10.11
CA ALA A 187 14.74 -4.28 11.18
C ALA A 187 14.67 -5.31 12.31
N ASP A 188 14.59 -6.59 11.98
CA ASP A 188 14.56 -7.64 13.00
C ASP A 188 15.80 -7.58 13.88
N THR A 189 16.99 -7.45 13.27
CA THR A 189 18.19 -7.44 14.09
C THR A 189 18.26 -6.19 14.97
N LEU A 190 17.61 -5.10 14.57
CA LEU A 190 17.66 -3.87 15.37
C LEU A 190 16.56 -3.81 16.40
N LEU A 191 15.39 -4.38 16.10
CA LEU A 191 14.27 -4.33 17.03
C LEU A 191 14.44 -5.29 18.21
N LYS A 192 15.23 -6.36 18.05
CA LYS A 192 15.44 -7.41 19.06
C LYS A 192 14.06 -7.91 19.52
N ASN A 193 13.79 -8.00 20.81
CA ASN A 193 12.52 -8.57 21.25
C ASN A 193 11.44 -7.53 21.52
N ASN A 194 11.58 -6.32 20.97
CA ASN A 194 10.75 -5.20 21.41
C ASN A 194 9.53 -5.04 20.52
N ASN A 195 8.43 -4.55 21.11
CA ASN A 195 7.19 -4.29 20.38
C ASN A 195 7.27 -2.98 19.60
N ARG A 196 7.91 -1.97 20.18
CA ARG A 196 8.20 -0.70 19.55
C ARG A 196 9.60 -0.27 19.97
N ILE A 197 10.20 0.63 19.17
CA ILE A 197 11.46 1.27 19.54
C ILE A 197 11.38 2.72 19.16
N THR A 198 11.96 3.59 19.99
CA THR A 198 12.06 4.97 19.59
C THR A 198 13.19 5.15 18.61
N GLU A 199 13.13 6.25 17.86
CA GLU A 199 14.25 6.58 16.99
C GLU A 199 15.54 6.73 17.78
N GLY A 200 15.43 7.18 19.04
CA GLY A 200 16.62 7.31 19.86
C GLY A 200 17.23 5.96 20.19
N VAL A 201 16.39 4.99 20.50
CA VAL A 201 16.88 3.63 20.72
C VAL A 201 17.38 3.03 19.41
N LEU A 202 16.69 3.32 18.30
CA LEU A 202 17.19 2.86 17.00
C LEU A 202 18.61 3.34 16.74
N VAL A 203 18.89 4.61 17.05
CA VAL A 203 20.22 5.15 16.82
C VAL A 203 21.24 4.41 17.66
N ASP A 204 20.90 4.14 18.92
CA ASP A 204 21.84 3.50 19.81
C ASP A 204 22.05 2.02 19.44
N ARG A 205 21.01 1.35 18.96
CA ARG A 205 21.16 -0.03 18.50
C ARG A 205 22.03 -0.10 17.24
N ILE A 206 21.94 0.90 16.35
CA ILE A 206 22.83 0.87 15.20
C ILE A 206 24.27 1.10 15.65
N PHE A 207 24.49 2.05 16.59
CA PHE A 207 25.83 2.28 17.13
C PHE A 207 26.42 1.00 17.71
N ASP A 208 25.63 0.26 18.48
CA ASP A 208 26.11 -0.91 19.20
C ASP A 208 26.07 -2.19 18.39
N ASN A 209 25.54 -2.16 17.17
CA ASN A 209 25.42 -3.37 16.36
C ASN A 209 26.80 -3.98 16.11
N LYS A 210 26.87 -5.30 16.25
CA LYS A 210 28.13 -6.01 16.10
C LYS A 210 28.28 -6.67 14.73
N ILE A 211 27.33 -6.46 13.83
CA ILE A 211 27.39 -7.05 12.49
C ILE A 211 27.85 -6.03 11.45
N LEU A 212 27.21 -4.86 11.41
CA LEU A 212 27.57 -3.83 10.45
C LEU A 212 28.95 -3.22 10.76
N SER A 213 29.70 -2.93 9.70
CA SER A 213 30.96 -2.21 9.83
C SER A 213 30.69 -0.73 10.14
N VAL A 214 31.76 -0.05 10.53
CA VAL A 214 31.69 1.38 10.82
C VAL A 214 31.19 2.15 9.60
N GLN A 215 31.69 1.78 8.42
CA GLN A 215 31.27 2.48 7.20
C GLN A 215 29.78 2.22 6.88
N GLU A 216 29.30 1.01 7.15
CA GLU A 216 27.89 0.72 6.91
C GLU A 216 27.00 1.46 7.91
N LYS A 217 27.39 1.47 9.18
CA LYS A 217 26.65 2.25 10.16
C LYS A 217 26.62 3.72 9.77
N GLN A 218 27.75 4.25 9.31
CA GLN A 218 27.80 5.65 8.95
C GLN A 218 26.89 5.99 7.78
N GLN A 219 26.87 5.15 6.74
CA GLN A 219 25.97 5.40 5.61
C GLN A 219 24.51 5.30 6.03
N LEU A 220 24.16 4.21 6.73
CA LEU A 220 22.77 4.03 7.19
C LEU A 220 22.31 5.20 8.06
N LEU A 221 23.17 5.64 8.97
CA LEU A 221 22.72 6.69 9.88
C LEU A 221 22.59 8.02 9.16
N ASN A 222 23.51 8.31 8.22
CA ASN A 222 23.36 9.54 7.44
C ASN A 222 22.09 9.49 6.59
N ASN A 223 21.78 8.34 6.01
CA ASN A 223 20.53 8.20 5.27
C ASN A 223 19.33 8.50 6.18
N LEU A 224 19.28 7.89 7.37
CA LEU A 224 18.14 8.12 8.27
C LEU A 224 18.04 9.58 8.69
N LEU A 225 19.19 10.20 9.00
CA LEU A 225 19.18 11.57 9.51
C LEU A 225 18.64 12.54 8.47
N ASP A 226 18.79 12.20 7.18
CA ASP A 226 18.31 13.09 6.12
C ASP A 226 16.80 13.34 6.23
N ASN A 227 16.01 12.33 6.61
CA ASN A 227 14.57 12.50 6.63
C ASN A 227 13.89 12.12 7.94
N HIS A 228 14.63 11.61 8.92
CA HIS A 228 14.03 11.07 10.13
C HIS A 228 14.87 11.53 11.31
N ILE A 229 14.61 10.93 12.47
CA ILE A 229 15.34 11.23 13.70
C ILE A 229 15.24 12.72 14.00
N LYS A 230 14.02 13.28 13.94
CA LYS A 230 13.79 14.68 14.30
C LYS A 230 13.00 14.86 15.59
N GLU A 231 12.08 13.93 15.90
CA GLU A 231 11.18 14.09 17.02
C GLU A 231 11.09 12.86 17.91
N ASN A 232 12.02 11.91 17.76
CA ASN A 232 12.01 10.67 18.57
C ASN A 232 10.68 9.91 18.47
N LYS A 233 10.22 9.70 17.25
CA LYS A 233 9.01 8.90 17.03
C LYS A 233 9.21 7.47 17.51
N SER A 234 8.11 6.83 17.87
CA SER A 234 8.16 5.41 18.24
C SER A 234 7.77 4.58 17.01
N LEU A 235 8.59 3.57 16.69
CA LEU A 235 8.46 2.80 15.46
C LEU A 235 8.03 1.36 15.76
N THR A 236 7.28 0.77 14.84
CA THR A 236 6.93 -0.65 14.86
C THR A 236 7.82 -1.41 13.89
N LYS A 237 7.70 -2.73 13.89
CA LYS A 237 8.38 -3.51 12.86
C LYS A 237 8.02 -3.01 11.46
N GLU A 238 6.72 -2.73 11.23
CA GLU A 238 6.30 -2.27 9.92
C GLU A 238 6.88 -0.90 9.55
N SER A 239 6.81 0.08 10.47
CA SER A 239 7.27 1.41 10.06
C SER A 239 8.79 1.49 10.02
N LEU A 240 9.46 0.72 10.88
CA LEU A 240 10.92 0.62 10.75
C LEU A 240 11.32 -0.04 9.43
N THR A 241 10.62 -1.12 9.05
CA THR A 241 10.95 -1.74 7.76
C THR A 241 10.79 -0.73 6.62
N ARG A 242 9.68 0.01 6.61
CA ARG A 242 9.46 1.01 5.55
C ARG A 242 10.53 2.09 5.58
N MET A 243 10.94 2.52 6.78
CA MET A 243 11.99 3.52 6.90
C MET A 243 13.30 2.99 6.35
N LEU A 244 13.68 1.77 6.73
CA LEU A 244 14.93 1.20 6.24
C LEU A 244 14.88 0.95 4.73
N ALA A 245 13.74 0.47 4.22
CA ALA A 245 13.64 0.17 2.80
C ALA A 245 13.86 1.39 1.95
N SER A 246 13.54 2.58 2.47
CA SER A 246 13.69 3.81 1.71
C SER A 246 15.10 4.38 1.77
N THR A 247 16.01 3.77 2.53
CA THR A 247 17.37 4.27 2.59
C THR A 247 18.20 3.82 1.39
N HIS A 248 19.08 4.70 0.92
CA HIS A 248 20.06 4.32 -0.08
C HIS A 248 20.89 3.13 0.41
N PHE A 249 21.18 3.09 1.71
CA PHE A 249 21.94 1.99 2.28
C PHE A 249 21.33 0.64 1.93
N VAL A 250 20.06 0.43 2.27
CA VAL A 250 19.46 -0.89 2.00
C VAL A 250 19.31 -1.12 0.50
N GLN A 251 18.99 -0.08 -0.26
CA GLN A 251 18.86 -0.26 -1.70
C GLN A 251 20.19 -0.69 -2.34
N GLN A 252 21.30 -0.16 -1.84
CA GLN A 252 22.62 -0.47 -2.39
C GLN A 252 23.24 -1.74 -1.84
N GLN A 253 22.73 -2.28 -0.73
CA GLN A 253 23.35 -3.45 -0.12
C GLN A 253 22.35 -4.55 0.20
N ALA A 254 21.17 -4.55 -0.44
CA ALA A 254 20.14 -5.51 -0.10
C ALA A 254 20.64 -6.95 -0.21
N ASN A 255 21.38 -7.29 -1.27
CA ASN A 255 21.85 -8.66 -1.45
C ASN A 255 22.85 -9.04 -0.37
N VAL A 256 23.82 -8.16 -0.11
CA VAL A 256 24.80 -8.41 0.96
C VAL A 256 24.08 -8.60 2.29
N LEU A 257 23.02 -7.82 2.54
CA LEU A 257 22.29 -7.91 3.79
C LEU A 257 21.52 -9.21 3.96
N LEU A 258 21.22 -9.91 2.87
CA LEU A 258 20.43 -11.13 2.94
C LEU A 258 21.29 -12.39 2.79
N ASN A 259 22.57 -12.24 2.51
CA ASN A 259 23.43 -13.38 2.20
C ASN A 259 24.87 -13.09 2.56
N MET B 1 -5.76 -14.51 2.49
CA MET B 1 -7.04 -13.81 2.55
C MET B 1 -7.00 -12.61 3.51
N GLN B 2 -7.93 -11.71 3.28
CA GLN B 2 -8.07 -10.48 4.03
C GLN B 2 -9.00 -10.72 5.21
N ILE B 3 -8.57 -10.33 6.41
CA ILE B 3 -9.48 -10.24 7.54
C ILE B 3 -9.30 -8.87 8.18
N PHE B 4 -10.28 -8.49 8.98
CA PHE B 4 -10.32 -7.20 9.62
C PHE B 4 -10.34 -7.41 11.13
N VAL B 5 -9.70 -6.49 11.86
CA VAL B 5 -9.70 -6.53 13.32
C VAL B 5 -10.21 -5.19 13.81
N LYS B 6 -11.35 -5.21 14.51
CA LYS B 6 -11.89 -3.98 15.12
C LYS B 6 -11.21 -3.70 16.46
N THR B 7 -10.95 -2.42 16.71
CA THR B 7 -10.38 -1.97 17.97
C THR B 7 -11.34 -1.01 18.67
N LEU B 8 -11.09 -0.80 19.96
CA LEU B 8 -12.00 -0.01 20.78
C LEU B 8 -11.95 1.47 20.43
N THR B 9 -10.91 1.93 19.75
CA THR B 9 -10.87 3.32 19.29
C THR B 9 -11.55 3.53 17.94
N GLY B 10 -12.27 2.53 17.42
CA GLY B 10 -13.01 2.68 16.18
C GLY B 10 -12.21 2.48 14.92
N LYS B 11 -10.91 2.21 15.02
CA LYS B 11 -10.11 1.89 13.84
C LYS B 11 -10.25 0.42 13.51
N THR B 12 -10.13 0.10 12.23
CA THR B 12 -10.15 -1.27 11.77
C THR B 12 -8.78 -1.57 11.17
N ILE B 13 -8.14 -2.63 11.66
CA ILE B 13 -6.88 -3.12 11.10
C ILE B 13 -7.20 -4.13 10.00
N THR B 14 -6.45 -4.08 8.90
CA THR B 14 -6.57 -5.08 7.84
C THR B 14 -5.34 -5.97 7.87
N LEU B 15 -5.55 -7.27 7.93
CA LEU B 15 -4.45 -8.22 7.97
C LEU B 15 -4.55 -9.19 6.80
N GLU B 16 -3.39 -9.63 6.31
CA GLU B 16 -3.30 -10.69 5.32
C GLU B 16 -2.90 -11.98 6.05
N VAL B 17 -3.76 -12.99 5.98
CA VAL B 17 -3.57 -14.21 6.75
C VAL B 17 -3.85 -15.43 5.88
N GLU B 18 -3.51 -16.61 6.41
CA GLU B 18 -3.81 -17.92 5.87
C GLU B 18 -4.62 -18.72 6.88
N PRO B 19 -5.58 -19.53 6.43
CA PRO B 19 -6.30 -20.41 7.36
C PRO B 19 -5.40 -21.24 8.26
N SER B 20 -4.20 -21.58 7.80
CA SER B 20 -3.29 -22.38 8.61
C SER B 20 -2.50 -21.55 9.61
N ASP B 21 -2.64 -20.23 9.58
CA ASP B 21 -1.98 -19.37 10.56
C ASP B 21 -2.48 -19.68 11.97
N THR B 22 -1.55 -19.76 12.92
CA THR B 22 -1.95 -19.85 14.32
C THR B 22 -2.45 -18.51 14.83
N ILE B 23 -3.22 -18.56 15.91
CA ILE B 23 -3.65 -17.34 16.57
C ILE B 23 -2.44 -16.53 17.01
N GLU B 24 -1.40 -17.21 17.52
CA GLU B 24 -0.17 -16.50 17.88
C GLU B 24 0.42 -15.75 16.67
N ASN B 25 0.41 -16.40 15.49
CA ASN B 25 0.86 -15.73 14.26
C ASN B 25 0.05 -14.48 13.99
N VAL B 26 -1.27 -14.52 14.22
CA VAL B 26 -2.09 -13.35 13.99
C VAL B 26 -1.72 -12.24 14.98
N LYS B 27 -1.51 -12.61 16.25
CA LYS B 27 -1.08 -11.61 17.22
C LYS B 27 0.29 -11.04 16.86
N ALA B 28 1.18 -11.86 16.28
CA ALA B 28 2.47 -11.35 15.84
C ALA B 28 2.31 -10.32 14.72
N LYS B 29 1.35 -10.55 13.82
CA LYS B 29 1.10 -9.58 12.74
C LYS B 29 0.54 -8.28 13.30
N ILE B 30 -0.33 -8.36 14.30
CA ILE B 30 -0.83 -7.15 14.95
C ILE B 30 0.31 -6.41 15.64
N GLN B 31 1.20 -7.16 16.30
CA GLN B 31 2.35 -6.49 16.90
C GLN B 31 3.21 -5.79 15.84
N ASP B 32 3.46 -6.46 14.72
CA ASP B 32 4.28 -5.87 13.66
C ASP B 32 3.69 -4.56 13.16
N LYS B 33 2.37 -4.48 13.10
CA LYS B 33 1.68 -3.35 12.49
C LYS B 33 1.31 -2.28 13.49
N GLU B 34 0.95 -2.67 14.72
CA GLU B 34 0.43 -1.74 15.69
C GLU B 34 1.34 -1.54 16.89
N GLY B 35 2.37 -2.35 17.05
CA GLY B 35 3.25 -2.21 18.21
C GLY B 35 2.67 -2.71 19.51
N ILE B 36 1.67 -3.59 19.44
CA ILE B 36 0.98 -4.11 20.61
C ILE B 36 1.58 -5.45 20.97
N PRO B 37 2.10 -5.65 22.19
CA PRO B 37 2.68 -6.95 22.57
C PRO B 37 1.62 -8.05 22.53
N PRO B 38 1.94 -9.21 21.96
CA PRO B 38 0.95 -10.30 21.89
C PRO B 38 0.34 -10.66 23.24
N ASP B 39 1.13 -10.60 24.32
CA ASP B 39 0.60 -10.91 25.65
C ASP B 39 -0.43 -9.90 26.13
N GLN B 40 -0.53 -8.75 25.49
CA GLN B 40 -1.57 -7.79 25.85
C GLN B 40 -2.84 -7.98 25.03
N GLN B 41 -2.82 -8.85 24.03
CA GLN B 41 -3.93 -8.98 23.08
C GLN B 41 -4.88 -10.13 23.46
N ARG B 42 -6.18 -9.84 23.46
CA ARG B 42 -7.18 -10.90 23.42
C ARG B 42 -8.03 -10.67 22.19
N LEU B 43 -8.09 -11.68 21.33
CA LEU B 43 -8.84 -11.63 20.08
C LEU B 43 -10.12 -12.43 20.23
N ILE B 44 -11.21 -11.92 19.61
CA ILE B 44 -12.53 -12.56 19.63
C ILE B 44 -13.01 -12.68 18.20
N PHE B 45 -13.57 -13.84 17.86
CA PHE B 45 -14.32 -13.97 16.63
C PHE B 45 -15.71 -14.47 16.97
N ALA B 46 -16.72 -13.66 16.67
CA ALA B 46 -18.10 -14.10 16.77
C ALA B 46 -18.38 -14.75 18.13
N GLY B 47 -17.99 -14.05 19.20
CA GLY B 47 -18.30 -14.48 20.55
C GLY B 47 -17.41 -15.56 21.12
N LYS B 48 -16.28 -15.86 20.49
CA LYS B 48 -15.35 -16.87 21.00
C LYS B 48 -13.95 -16.29 21.08
N GLN B 49 -13.36 -16.30 22.28
CA GLN B 49 -11.97 -15.93 22.39
C GLN B 49 -11.10 -16.93 21.63
N LEU B 50 -10.02 -16.44 21.05
CA LEU B 50 -9.16 -17.25 20.18
C LEU B 50 -7.93 -17.72 20.96
N GLU B 51 -7.76 -19.04 21.06
CA GLU B 51 -6.67 -19.64 21.83
C GLU B 51 -5.39 -19.71 21.00
N ASP B 52 -4.25 -19.40 21.64
CA ASP B 52 -3.02 -19.03 20.92
C ASP B 52 -2.49 -20.16 20.03
N GLY B 53 -2.64 -21.41 20.47
CA GLY B 53 -2.13 -22.52 19.71
C GLY B 53 -3.06 -23.12 18.69
N ARG B 54 -4.27 -22.59 18.53
CA ARG B 54 -5.19 -23.01 17.49
C ARG B 54 -4.92 -22.21 16.21
N THR B 55 -5.55 -22.64 15.13
CA THR B 55 -5.41 -21.98 13.84
C THR B 55 -6.68 -21.21 13.52
N LEU B 56 -6.57 -20.32 12.54
CA LEU B 56 -7.76 -19.58 12.09
C LEU B 56 -8.83 -20.54 11.57
N SER B 57 -8.46 -21.64 10.95
CA SER B 57 -9.50 -22.55 10.44
C SER B 57 -10.21 -23.30 11.57
N ASP B 58 -9.56 -23.49 12.72
CA ASP B 58 -10.26 -24.07 13.87
C ASP B 58 -11.49 -23.27 14.25
N TYR B 59 -11.53 -21.99 13.92
CA TYR B 59 -12.64 -21.11 14.28
C TYR B 59 -13.53 -20.77 13.10
N ASN B 60 -13.30 -21.38 11.93
CA ASN B 60 -14.07 -21.08 10.71
C ASN B 60 -14.02 -19.59 10.37
N ILE B 61 -12.86 -18.98 10.57
CA ILE B 61 -12.69 -17.61 10.10
C ILE B 61 -12.61 -17.64 8.58
N GLN B 62 -13.28 -16.69 7.94
CA GLN B 62 -13.45 -16.67 6.49
C GLN B 62 -12.79 -15.44 5.89
N LYS B 63 -12.75 -15.42 4.56
CA LYS B 63 -12.38 -14.20 3.86
C LYS B 63 -13.27 -13.05 4.30
N GLU B 64 -12.63 -11.93 4.66
CA GLU B 64 -13.31 -10.71 5.11
C GLU B 64 -14.06 -10.89 6.42
N SER B 65 -13.74 -11.91 7.21
CA SER B 65 -14.23 -11.96 8.58
C SER B 65 -13.68 -10.79 9.39
N THR B 66 -14.44 -10.42 10.42
CA THR B 66 -14.02 -9.36 11.33
C THR B 66 -13.80 -9.93 12.72
N LEU B 67 -12.62 -9.67 13.28
CA LEU B 67 -12.30 -10.02 14.64
C LEU B 67 -12.43 -8.77 15.51
N HIS B 68 -12.53 -9.01 16.82
CA HIS B 68 -12.52 -7.92 17.79
C HIS B 68 -11.26 -8.07 18.62
N LEU B 69 -10.51 -6.99 18.79
CA LEU B 69 -9.30 -6.96 19.62
C LEU B 69 -9.55 -6.15 20.88
N VAL B 70 -9.27 -6.74 22.04
CA VAL B 70 -9.34 -6.04 23.32
C VAL B 70 -7.98 -6.15 24.01
N LEU B 71 -7.46 -5.01 24.47
CA LEU B 71 -6.15 -4.97 25.10
C LEU B 71 -6.31 -5.09 26.60
N ARG B 72 -5.42 -5.84 27.24
CA ARG B 72 -5.45 -5.97 28.69
C ARG B 72 -5.09 -4.65 29.35
N LEU B 73 -5.66 -4.41 30.53
CA LEU B 73 -5.22 -3.32 31.37
C LEU B 73 -4.16 -3.82 32.35
N ARG B 74 -3.16 -2.98 32.62
CA ARG B 74 -2.09 -3.29 33.60
C ARG B 74 -1.37 -4.57 33.14
N GLY B 75 -1.12 -5.52 34.02
CA GLY B 75 -0.38 -6.72 33.65
C GLY B 75 1.13 -6.62 33.79
#